data_3C05
#
_entry.id   3C05
#
_cell.length_a   37.449
_cell.length_b   59.808
_cell.length_c   121.307
_cell.angle_alpha   90.00
_cell.angle_beta   90.00
_cell.angle_gamma   90.00
#
_symmetry.space_group_name_H-M   'P 21 21 21'
#
loop_
_entity.id
_entity.type
_entity.pdbx_description
1 polymer 'Disintegrin acostatin alpha'
2 polymer 'Disintegrin acostatin-beta'
3 non-polymer 'SULFATE ION'
4 water water
#
loop_
_entity_poly.entity_id
_entity_poly.type
_entity_poly.pdbx_seq_one_letter_code
_entity_poly.pdbx_strand_id
1 'polypeptide(L)' (PCA)PKNPCCDAATCKLTPGSQCAEGLCCDQCKFIKAGKICRRARGDNPDYRCTGQSGDCPRKHF A,C
2 'polypeptide(L)' DAPANPCCDAATCKLTTGSQCADGLCCDQCKFMKEGTVCRRARGDDLDDYCNGISAGCPRNPFH B,D
#
# COMPACT_ATOMS: atom_id res chain seq x y z
N ASN A 4 11.14 11.84 14.77
CA ASN A 4 10.74 10.67 15.62
C ASN A 4 11.77 9.55 15.51
N PRO A 5 12.51 9.28 16.60
CA PRO A 5 13.49 8.22 16.53
C PRO A 5 12.84 6.85 16.30
N CYS A 6 11.55 6.73 16.56
CA CYS A 6 10.86 5.45 16.44
C CYS A 6 10.41 5.13 15.02
N CYS A 7 10.41 6.13 14.15
CA CYS A 7 9.83 5.97 12.81
C CYS A 7 10.81 6.40 11.73
N ASP A 8 10.92 5.59 10.68
CA ASP A 8 11.69 5.98 9.48
C ASP A 8 10.73 6.79 8.58
N ALA A 9 10.93 8.10 8.50
CA ALA A 9 10.02 8.98 7.77
C ALA A 9 9.97 8.68 6.26
N ALA A 10 11.07 8.11 5.77
CA ALA A 10 11.23 7.71 4.35
C ALA A 10 10.26 6.58 3.95
N THR A 11 10.10 5.61 4.84
CA THR A 11 9.37 4.37 4.56
C THR A 11 8.06 4.24 5.37
N CYS A 12 7.91 5.08 6.41
CA CYS A 12 6.81 4.96 7.37
C CYS A 12 6.76 3.59 8.04
N LYS A 13 7.95 3.03 8.27
CA LYS A 13 8.12 1.81 9.05
C LYS A 13 8.80 2.15 10.36
N LEU A 14 8.52 1.36 11.40
CA LEU A 14 9.22 1.50 12.68
C LEU A 14 10.70 1.24 12.47
N THR A 15 11.54 1.98 13.17
CA THR A 15 13.00 1.84 13.05
C THR A 15 13.42 0.56 13.73
N PRO A 16 14.59 0.00 13.36
CA PRO A 16 14.96 -1.27 13.97
C PRO A 16 15.06 -1.17 15.50
N GLY A 17 14.51 -2.17 16.18
CA GLY A 17 14.47 -2.18 17.63
C GLY A 17 13.20 -1.54 18.20
N SER A 18 12.52 -0.77 17.38
CA SER A 18 11.30 -0.07 17.83
C SER A 18 10.08 -0.95 17.78
N GLN A 19 9.30 -0.90 18.86
CA GLN A 19 8.07 -1.68 18.95
C GLN A 19 6.83 -0.83 18.71
N CYS A 20 6.97 0.46 18.95
CA CYS A 20 5.85 1.40 18.84
C CYS A 20 6.38 2.80 18.54
N ALA A 21 5.54 3.64 17.97
CA ALA A 21 5.96 5.01 17.63
C ALA A 21 5.36 6.07 18.52
N GLU A 22 4.29 5.74 19.25
CA GLU A 22 3.55 6.69 20.10
C GLU A 22 2.69 5.83 21.04
N GLY A 23 2.06 6.49 22.03
CA GLY A 23 1.10 5.85 22.92
C GLY A 23 1.48 6.01 24.38
N LEU A 24 0.47 5.94 25.25
CA LEU A 24 0.72 6.04 26.68
C LEU A 24 1.52 4.85 27.17
N CYS A 25 1.44 3.76 26.41
CA CYS A 25 2.17 2.53 26.82
C CYS A 25 3.41 2.33 25.93
N CYS A 26 3.88 3.44 25.37
CA CYS A 26 5.12 3.44 24.58
C CYS A 26 6.10 4.37 25.29
N ASP A 27 7.34 3.88 25.48
CA ASP A 27 8.37 4.71 26.11
C ASP A 27 9.67 4.50 25.35
N GLN A 28 10.20 5.58 24.78
CA GLN A 28 11.42 5.50 23.95
C GLN A 28 11.32 4.38 22.89
N CYS A 29 10.18 4.33 22.21
CA CYS A 29 9.94 3.38 21.09
C CYS A 29 9.72 1.93 21.51
N LYS A 30 9.64 1.67 22.82
CA LYS A 30 9.47 0.32 23.37
C LYS A 30 8.14 0.18 24.12
N PHE A 31 7.58 -1.02 24.15
CA PHE A 31 6.38 -1.26 24.94
C PHE A 31 6.68 -1.12 26.42
N ILE A 32 5.80 -0.40 27.12
CA ILE A 32 5.84 -0.36 28.56
C ILE A 32 5.38 -1.72 29.13
N LYS A 33 5.92 -2.09 30.27
CA LYS A 33 5.64 -3.41 30.84
C LYS A 33 4.15 -3.65 31.11
N ALA A 34 3.74 -4.89 30.93
CA ALA A 34 2.40 -5.32 31.31
C ALA A 34 2.10 -4.97 32.76
N GLY A 35 0.93 -4.37 33.01
CA GLY A 35 0.48 -4.07 34.35
C GLY A 35 0.55 -2.60 34.75
N LYS A 36 1.41 -1.83 34.07
CA LYS A 36 1.58 -0.42 34.43
C LYS A 36 0.24 0.29 34.25
N ILE A 37 -0.19 1.03 35.27
CA ILE A 37 -1.44 1.80 35.17
C ILE A 37 -1.19 2.97 34.22
N CYS A 38 -2.00 3.07 33.17
CA CYS A 38 -1.75 4.07 32.13
C CYS A 38 -2.90 5.06 32.00
N ARG A 39 -4.02 4.75 32.65
CA ARG A 39 -5.18 5.65 32.64
C ARG A 39 -6.04 5.36 33.86
N ARG A 40 -6.36 6.41 34.62
CA ARG A 40 -7.22 6.25 35.77
C ARG A 40 -8.67 6.23 35.33
N ALA A 41 -9.46 5.31 35.86
CA ALA A 41 -10.90 5.26 35.60
C ALA A 41 -11.56 6.51 36.17
N ARG A 42 -12.53 7.03 35.43
CA ARG A 42 -13.31 8.19 35.90
C ARG A 42 -14.53 7.70 36.67
N GLY A 43 -15.06 6.56 36.26
CA GLY A 43 -16.24 5.98 36.88
C GLY A 43 -15.97 4.81 37.82
N ASP A 44 -16.98 3.95 37.96
CA ASP A 44 -16.90 2.77 38.82
C ASP A 44 -16.38 1.67 37.92
N ASN A 45 -15.07 1.71 37.68
CA ASN A 45 -14.36 0.71 36.88
C ASN A 45 -12.96 0.59 37.43
N PRO A 46 -12.31 -0.57 37.25
CA PRO A 46 -10.89 -0.60 37.55
C PRO A 46 -10.09 0.31 36.63
N ASP A 47 -8.90 0.65 37.06
CA ASP A 47 -7.98 1.45 36.26
C ASP A 47 -7.50 0.66 35.03
N TYR A 48 -6.94 1.35 34.04
CA TYR A 48 -6.52 0.71 32.77
C TYR A 48 -5.03 0.51 32.80
N ARG A 49 -4.56 -0.60 32.24
CA ARG A 49 -3.15 -0.98 32.38
C ARG A 49 -2.55 -1.43 31.05
N CYS A 50 -1.27 -1.15 30.85
CA CYS A 50 -0.58 -1.57 29.63
C CYS A 50 -0.58 -3.11 29.52
N THR A 51 -0.59 -3.60 28.29
CA THR A 51 -0.70 -5.04 28.07
C THR A 51 0.67 -5.70 27.99
N GLY A 52 1.70 -4.88 27.78
CA GLY A 52 3.09 -5.36 27.54
C GLY A 52 3.36 -5.72 26.09
N GLN A 53 2.32 -5.62 25.27
CA GLN A 53 2.36 -6.02 23.87
C GLN A 53 1.79 -4.99 22.89
N SER A 54 1.57 -3.79 23.38
CA SER A 54 1.06 -2.73 22.53
C SER A 54 1.50 -1.40 23.13
N GLY A 55 1.67 -0.37 22.29
CA GLY A 55 1.90 0.97 22.83
C GLY A 55 0.61 1.69 23.24
N ASP A 56 -0.54 1.07 22.97
CA ASP A 56 -1.82 1.72 23.22
C ASP A 56 -2.36 1.34 24.60
N CYS A 57 -2.66 2.34 25.42
CA CYS A 57 -3.33 2.09 26.69
C CYS A 57 -4.82 1.75 26.45
N PRO A 58 -5.35 0.69 27.09
CA PRO A 58 -6.77 0.32 26.94
C PRO A 58 -7.68 1.52 27.29
N ARG A 59 -8.83 1.61 26.64
CA ARG A 59 -9.77 2.69 26.91
C ARG A 59 -11.07 2.22 27.55
N LYS A 60 -11.40 0.94 27.40
CA LYS A 60 -12.62 0.38 27.98
C LYS A 60 -12.36 -1.08 28.32
N HIS A 61 -12.99 -1.58 29.38
CA HIS A 61 -12.90 -2.98 29.74
C HIS A 61 -13.88 -3.78 28.87
N PHE A 62 -13.41 -4.88 28.31
CA PHE A 62 -14.30 -5.78 27.59
C PHE A 62 -15.41 -6.27 28.53
N ALA B 4 10.99 16.35 4.85
CA ALA B 4 9.53 16.05 4.73
C ALA B 4 9.24 14.83 3.85
N ASN B 5 8.43 13.89 4.35
CA ASN B 5 7.77 12.94 3.46
C ASN B 5 6.28 13.17 3.56
N PRO B 6 5.68 13.77 2.52
CA PRO B 6 4.28 14.10 2.52
C PRO B 6 3.36 12.89 2.69
N CYS B 7 3.91 11.71 2.44
CA CYS B 7 3.13 10.46 2.48
C CYS B 7 3.06 9.86 3.88
N CYS B 8 3.94 10.32 4.77
CA CYS B 8 4.08 9.69 6.08
C CYS B 8 4.02 10.71 7.21
N ASP B 9 3.19 10.46 8.21
CA ASP B 9 3.24 11.23 9.45
C ASP B 9 4.28 10.58 10.35
N ALA B 10 5.44 11.21 10.48
CA ALA B 10 6.54 10.61 11.21
C ALA B 10 6.30 10.53 12.72
N ALA B 11 5.41 11.38 13.24
CA ALA B 11 5.06 11.36 14.66
C ALA B 11 4.34 10.07 15.07
N THR B 12 3.46 9.60 14.19
CA THR B 12 2.64 8.41 14.45
C THR B 12 3.13 7.18 13.67
N CYS B 13 3.99 7.40 12.69
CA CYS B 13 4.40 6.33 11.75
C CYS B 13 3.16 5.70 11.09
N LYS B 14 2.25 6.58 10.68
CA LYS B 14 1.08 6.24 9.85
C LYS B 14 1.15 7.00 8.53
N LEU B 15 0.62 6.39 7.48
CA LEU B 15 0.47 7.12 6.22
C LEU B 15 -0.45 8.32 6.44
N THR B 16 -0.15 9.38 5.71
CA THR B 16 -1.01 10.57 5.74
C THR B 16 -2.34 10.29 5.03
N THR B 17 -3.37 11.07 5.37
CA THR B 17 -4.68 10.93 4.75
C THR B 17 -4.61 10.97 3.23
N GLY B 18 -5.23 9.98 2.58
CA GLY B 18 -5.21 9.90 1.12
C GLY B 18 -4.09 9.04 0.55
N SER B 19 -3.09 8.76 1.36
CA SER B 19 -1.90 8.03 0.89
C SER B 19 -2.10 6.53 0.86
N GLN B 20 -1.60 5.92 -0.22
CA GLN B 20 -1.62 4.46 -0.35
C GLN B 20 -0.26 3.89 -0.02
N CYS B 21 0.80 4.71 -0.11
CA CYS B 21 2.15 4.21 0.09
C CYS B 21 3.06 5.39 0.44
N ALA B 22 4.21 5.07 1.02
CA ALA B 22 5.17 6.09 1.47
C ALA B 22 6.45 6.13 0.66
N ASP B 23 6.74 5.03 -0.02
CA ASP B 23 8.07 4.75 -0.58
C ASP B 23 7.90 3.57 -1.50
N GLY B 24 8.88 3.37 -2.39
CA GLY B 24 8.87 2.15 -3.22
C GLY B 24 8.85 2.50 -4.70
N LEU B 25 9.37 1.58 -5.50
CA LEU B 25 9.51 1.81 -6.93
C LEU B 25 8.16 1.86 -7.63
N CYS B 26 7.13 1.34 -6.95
CA CYS B 26 5.77 1.42 -7.49
C CYS B 26 4.90 2.42 -6.75
N CYS B 27 5.53 3.39 -6.07
CA CYS B 27 4.83 4.48 -5.42
C CYS B 27 5.18 5.80 -6.12
N ASP B 28 4.17 6.62 -6.41
CA ASP B 28 4.39 7.93 -7.06
C ASP B 28 3.45 8.89 -6.39
N GLN B 29 4.01 9.92 -5.75
CA GLN B 29 3.22 10.91 -5.03
C GLN B 29 2.23 10.26 -4.04
N CYS B 30 2.73 9.25 -3.32
CA CYS B 30 1.93 8.54 -2.28
C CYS B 30 0.83 7.65 -2.80
N LYS B 31 0.80 7.37 -4.12
CA LYS B 31 -0.22 6.49 -4.72
C LYS B 31 0.44 5.32 -5.46
N PHE B 32 -0.22 4.18 -5.52
CA PHE B 32 0.29 3.06 -6.31
C PHE B 32 0.34 3.40 -7.80
N MET B 33 1.44 3.03 -8.44
CA MET B 33 1.49 3.03 -9.90
C MET B 33 0.68 1.87 -10.45
N LYS B 34 0.17 2.01 -11.67
CA LYS B 34 -0.78 1.01 -12.18
C LYS B 34 -0.10 -0.31 -12.53
N GLU B 35 -0.86 -1.39 -12.43
CA GLU B 35 -0.37 -2.72 -12.77
C GLU B 35 0.18 -2.72 -14.20
N GLY B 36 1.36 -3.30 -14.38
CA GLY B 36 2.03 -3.34 -15.69
C GLY B 36 3.02 -2.21 -15.96
N THR B 37 3.05 -1.22 -15.06
CA THR B 37 4.13 -0.20 -15.07
C THR B 37 5.45 -0.95 -14.88
N VAL B 38 6.44 -0.64 -15.72
CA VAL B 38 7.77 -1.24 -15.48
C VAL B 38 8.39 -0.56 -14.32
N CYS B 39 8.80 -1.34 -13.31
CA CYS B 39 9.41 -0.73 -12.13
C CYS B 39 10.92 -1.03 -11.99
N ARG B 40 11.42 -1.99 -12.76
CA ARG B 40 12.87 -2.24 -12.80
C ARG B 40 13.24 -2.66 -14.19
N ARG B 41 14.19 -1.92 -14.80
CA ARG B 41 14.76 -2.28 -16.09
C ARG B 41 15.93 -3.21 -15.80
N ALA B 42 15.82 -4.47 -16.23
CA ALA B 42 16.86 -5.46 -15.85
C ALA B 42 18.23 -4.98 -16.30
N ARG B 43 19.20 -5.08 -15.38
CA ARG B 43 20.61 -4.73 -15.66
C ARG B 43 21.44 -5.89 -16.20
N GLY B 44 20.91 -7.10 -16.09
CA GLY B 44 21.53 -8.29 -16.67
C GLY B 44 20.60 -9.02 -17.63
N ASP B 45 20.58 -10.35 -17.53
CA ASP B 45 19.82 -11.13 -18.49
C ASP B 45 18.40 -11.48 -18.07
N ASP B 46 17.97 -11.04 -16.87
CA ASP B 46 16.60 -11.37 -16.43
C ASP B 46 15.57 -10.44 -17.12
N LEU B 47 14.28 -10.76 -16.96
CA LEU B 47 13.22 -9.89 -17.47
C LEU B 47 13.08 -8.66 -16.60
N ASP B 48 12.44 -7.63 -17.17
CA ASP B 48 12.09 -6.44 -16.42
C ASP B 48 11.05 -6.86 -15.37
N ASP B 49 10.97 -6.07 -14.30
CA ASP B 49 9.95 -6.31 -13.28
C ASP B 49 8.85 -5.27 -13.38
N TYR B 50 7.66 -5.65 -12.90
CA TYR B 50 6.46 -4.83 -13.08
C TYR B 50 5.69 -4.59 -11.80
N CYS B 51 5.08 -3.41 -11.68
CA CYS B 51 4.17 -3.13 -10.58
C CYS B 51 2.95 -3.99 -10.70
N ASN B 52 2.38 -4.33 -9.55
CA ASN B 52 1.16 -5.14 -9.58
C ASN B 52 -0.13 -4.36 -9.32
N GLY B 53 -0.01 -3.05 -9.14
CA GLY B 53 -1.16 -2.15 -9.02
C GLY B 53 -1.59 -1.88 -7.57
N ILE B 54 -1.28 -2.83 -6.68
CA ILE B 54 -1.86 -2.81 -5.31
C ILE B 54 -0.79 -2.88 -4.23
N SER B 55 0.46 -2.64 -4.59
CA SER B 55 1.52 -2.65 -3.62
C SER B 55 2.61 -1.73 -4.10
N ALA B 56 3.42 -1.24 -3.16
CA ALA B 56 4.38 -0.15 -3.47
C ALA B 56 5.73 -0.70 -3.92
N GLY B 57 5.93 -1.99 -3.71
CA GLY B 57 7.21 -2.65 -3.95
C GLY B 57 7.33 -3.08 -5.40
N CYS B 58 8.53 -3.50 -5.79
CA CYS B 58 8.78 -3.96 -7.15
C CYS B 58 9.25 -5.40 -7.10
N PRO B 59 8.29 -6.35 -7.26
CA PRO B 59 8.54 -7.77 -7.08
C PRO B 59 9.32 -8.33 -8.25
N ARG B 60 10.20 -9.28 -7.98
CA ARG B 60 10.94 -9.98 -9.04
C ARG B 60 10.00 -10.77 -9.96
N ASN B 61 10.09 -10.50 -11.27
CA ASN B 61 9.26 -11.14 -12.29
C ASN B 61 9.30 -12.67 -12.08
N PRO B 62 8.13 -13.31 -11.95
CA PRO B 62 8.10 -14.76 -11.78
C PRO B 62 8.56 -15.48 -13.05
N ASN C 4 -17.03 -4.72 -17.76
CA ASN C 4 -15.64 -4.51 -17.21
C ASN C 4 -14.74 -5.78 -17.17
N PRO C 5 -14.45 -6.40 -18.34
CA PRO C 5 -13.81 -7.72 -18.37
C PRO C 5 -12.31 -7.72 -18.04
N CYS C 6 -11.72 -6.52 -17.93
CA CYS C 6 -10.27 -6.41 -17.81
C CYS C 6 -9.81 -6.44 -16.35
N CYS C 7 -10.75 -6.23 -15.45
CA CYS C 7 -10.39 -6.01 -14.04
C CYS C 7 -11.29 -6.84 -13.13
N ASP C 8 -10.70 -7.49 -12.12
CA ASP C 8 -11.47 -8.10 -11.01
C ASP C 8 -11.67 -7.07 -9.90
N ALA C 9 -12.90 -6.57 -9.72
CA ALA C 9 -13.16 -5.45 -8.81
C ALA C 9 -13.00 -5.83 -7.31
N ALA C 10 -13.02 -7.13 -7.05
CA ALA C 10 -12.85 -7.64 -5.70
C ALA C 10 -11.42 -7.49 -5.21
N THR C 11 -10.47 -7.49 -6.15
CA THR C 11 -9.04 -7.45 -5.79
C THR C 11 -8.34 -6.26 -6.41
N CYS C 12 -9.02 -5.60 -7.36
CA CYS C 12 -8.45 -4.52 -8.16
C CYS C 12 -7.17 -5.01 -8.86
N LYS C 13 -7.22 -6.26 -9.33
CA LYS C 13 -6.17 -6.83 -10.18
C LYS C 13 -6.70 -7.05 -11.59
N LEU C 14 -5.84 -6.85 -12.59
CA LEU C 14 -6.19 -7.22 -13.95
C LEU C 14 -6.54 -8.71 -14.07
N THR C 15 -7.50 -9.02 -14.91
CA THR C 15 -7.93 -10.39 -15.09
C THR C 15 -6.90 -11.17 -15.93
N PRO C 16 -6.91 -12.51 -15.85
CA PRO C 16 -6.03 -13.31 -16.65
C PRO C 16 -6.03 -12.93 -18.12
N GLY C 17 -4.85 -12.69 -18.66
CA GLY C 17 -4.71 -12.31 -20.05
C GLY C 17 -4.77 -10.82 -20.31
N SER C 18 -5.19 -10.04 -19.31
CA SER C 18 -5.34 -8.60 -19.52
C SER C 18 -4.03 -7.89 -19.23
N GLN C 19 -3.66 -6.98 -20.12
CA GLN C 19 -2.47 -6.17 -19.93
C GLN C 19 -2.84 -4.78 -19.43
N CYS C 20 -4.08 -4.35 -19.66
CA CYS C 20 -4.51 -3.02 -19.24
C CYS C 20 -6.02 -3.02 -19.10
N ALA C 21 -6.56 -1.99 -18.46
CA ALA C 21 -8.01 -1.92 -18.33
C ALA C 21 -8.65 -0.83 -19.21
N GLU C 22 -8.07 0.36 -19.19
CA GLU C 22 -8.61 1.52 -19.91
C GLU C 22 -7.45 2.43 -20.34
N GLY C 23 -7.53 3.03 -21.51
CA GLY C 23 -6.50 4.01 -21.89
C GLY C 23 -6.47 4.20 -23.39
N LEU C 24 -5.81 5.27 -23.81
CA LEU C 24 -5.72 5.61 -25.23
C LEU C 24 -4.97 4.53 -26.00
N CYS C 25 -4.11 3.80 -25.28
CA CYS C 25 -3.37 2.69 -25.92
C CYS C 25 -3.79 1.32 -25.39
N CYS C 26 -5.06 1.22 -24.99
CA CYS C 26 -5.62 -0.07 -24.54
C CYS C 26 -6.83 -0.39 -25.39
N ASP C 27 -6.91 -1.64 -25.84
CA ASP C 27 -8.03 -2.12 -26.68
C ASP C 27 -8.38 -3.53 -26.22
N GLN C 28 -9.61 -3.71 -25.69
CA GLN C 28 -10.07 -5.02 -25.23
C GLN C 28 -9.08 -5.67 -24.27
N CYS C 29 -8.62 -4.84 -23.33
CA CYS C 29 -7.73 -5.27 -22.24
C CYS C 29 -6.32 -5.60 -22.68
N LYS C 30 -5.97 -5.25 -23.92
CA LYS C 30 -4.61 -5.51 -24.45
C LYS C 30 -3.94 -4.21 -24.81
N PHE C 31 -2.61 -4.16 -24.70
CA PHE C 31 -1.89 -3.01 -25.25
C PHE C 31 -2.10 -2.93 -26.75
N ILE C 32 -2.38 -1.73 -27.24
CA ILE C 32 -2.38 -1.49 -28.69
C ILE C 32 -0.96 -1.65 -29.23
N LYS C 33 -0.86 -2.24 -30.42
CA LYS C 33 0.42 -2.49 -31.09
C LYS C 33 1.20 -1.16 -31.17
N ALA C 34 2.51 -1.20 -30.88
CA ALA C 34 3.34 -0.02 -30.95
C ALA C 34 3.21 0.72 -32.28
N GLY C 35 3.11 2.06 -32.24
CA GLY C 35 3.22 2.86 -33.45
C GLY C 35 1.95 3.63 -33.77
N LYS C 36 0.81 3.20 -33.21
CA LYS C 36 -0.45 3.94 -33.45
C LYS C 36 -0.37 5.32 -32.85
N ILE C 37 -0.72 6.34 -33.62
CA ILE C 37 -0.77 7.69 -33.07
C ILE C 37 -1.88 7.75 -32.02
N CYS C 38 -1.51 8.24 -30.84
CA CYS C 38 -2.45 8.30 -29.69
C CYS C 38 -2.72 9.73 -29.24
N ARG C 39 -1.82 10.66 -29.57
CA ARG C 39 -2.01 12.09 -29.27
C ARG C 39 -1.27 12.86 -30.34
N ARG C 40 -1.90 13.91 -30.89
CA ARG C 40 -1.15 14.77 -31.82
C ARG C 40 -0.38 15.85 -31.08
N ALA C 41 0.87 16.07 -31.49
CA ALA C 41 1.64 17.14 -30.91
C ALA C 41 1.40 18.40 -31.73
N ARG C 42 1.43 19.56 -31.05
CA ARG C 42 1.21 20.81 -31.77
C ARG C 42 2.36 21.12 -32.70
N GLY C 43 2.05 21.81 -33.79
CA GLY C 43 3.10 22.21 -34.74
C GLY C 43 3.67 21.00 -35.46
N ASP C 44 4.95 21.07 -35.77
CA ASP C 44 5.58 20.00 -36.56
C ASP C 44 6.32 18.97 -35.73
N ASN C 45 6.28 19.11 -34.41
CA ASN C 45 6.91 18.12 -33.51
C ASN C 45 6.28 16.76 -33.69
N PRO C 46 7.08 15.67 -33.60
CA PRO C 46 6.49 14.37 -33.82
C PRO C 46 5.28 14.05 -32.94
N ASP C 47 4.30 13.39 -33.54
CA ASP C 47 3.11 12.95 -32.82
C ASP C 47 3.44 11.81 -31.84
N TYR C 48 2.59 11.66 -30.83
CA TYR C 48 2.87 10.66 -29.79
C TYR C 48 2.29 9.34 -30.22
N ARG C 49 3.01 8.22 -29.98
CA ARG C 49 2.55 6.93 -30.50
C ARG C 49 2.61 5.88 -29.41
N CYS C 50 1.67 4.94 -29.45
CA CYS C 50 1.63 3.85 -28.45
C CYS C 50 2.94 3.11 -28.46
N THR C 51 3.40 2.70 -27.28
CA THR C 51 4.69 1.98 -27.17
C THR C 51 4.54 0.49 -27.31
N GLY C 52 3.30 -0.01 -27.25
CA GLY C 52 3.06 -1.45 -27.22
C GLY C 52 3.26 -2.06 -25.84
N GLN C 53 3.67 -1.24 -24.88
CA GLN C 53 4.04 -1.75 -23.52
C GLN C 53 3.29 -1.04 -22.40
N SER C 54 2.26 -0.28 -22.79
CA SER C 54 1.49 0.52 -21.85
C SER C 54 0.13 0.79 -22.43
N GLY C 55 -0.87 0.85 -21.56
CA GLY C 55 -2.21 1.25 -22.00
C GLY C 55 -2.37 2.75 -22.15
N ASP C 56 -1.39 3.51 -21.69
CA ASP C 56 -1.46 4.95 -21.76
C ASP C 56 -0.65 5.50 -22.93
N CYS C 57 -1.08 6.64 -23.46
CA CYS C 57 -0.30 7.36 -24.46
C CYS C 57 0.93 8.02 -23.78
N PRO C 58 2.15 7.79 -24.29
CA PRO C 58 3.31 8.30 -23.58
C PRO C 58 3.41 9.82 -23.48
N ARG C 59 4.13 10.25 -22.44
CA ARG C 59 4.37 11.65 -22.16
C ARG C 59 5.39 12.29 -23.11
N LYS C 60 6.27 11.47 -23.70
CA LYS C 60 7.37 12.01 -24.52
C LYS C 60 7.19 11.65 -26.00
N HIS C 61 7.83 12.45 -26.86
CA HIS C 61 7.97 12.09 -28.28
C HIS C 61 9.42 12.16 -28.79
N ALA D 4 -20.56 -3.49 -2.55
CA ALA D 4 -20.31 -4.81 -3.22
C ALA D 4 -18.81 -5.04 -3.42
N ASN D 5 -18.22 -4.22 -4.28
CA ASN D 5 -16.77 -4.10 -4.41
C ASN D 5 -16.41 -2.63 -4.34
N PRO D 6 -16.63 -1.99 -3.16
CA PRO D 6 -16.55 -0.53 -3.06
C PRO D 6 -15.11 0.01 -3.09
N CYS D 7 -14.12 -0.88 -3.03
CA CYS D 7 -12.73 -0.42 -2.93
C CYS D 7 -12.09 -0.15 -4.27
N CYS D 8 -12.73 -0.61 -5.35
CA CYS D 8 -12.11 -0.64 -6.67
C CYS D 8 -13.08 -0.20 -7.77
N ASP D 9 -12.57 0.61 -8.69
CA ASP D 9 -13.31 0.95 -9.91
C ASP D 9 -12.88 -0.05 -10.98
N ALA D 10 -13.75 -1.00 -11.30
CA ALA D 10 -13.46 -2.09 -12.24
C ALA D 10 -13.25 -1.64 -13.70
N ALA D 11 -13.69 -0.43 -14.05
CA ALA D 11 -13.48 0.09 -15.41
C ALA D 11 -12.01 0.44 -15.65
N THR D 12 -11.32 0.85 -14.59
CA THR D 12 -9.95 1.34 -14.66
C THR D 12 -8.99 0.46 -13.90
N CYS D 13 -9.53 -0.41 -13.05
CA CYS D 13 -8.71 -1.17 -12.12
C CYS D 13 -7.86 -0.25 -11.23
N LYS D 14 -8.45 0.86 -10.79
CA LYS D 14 -7.81 1.72 -9.82
C LYS D 14 -8.65 1.69 -8.54
N LEU D 15 -7.97 1.77 -7.40
CA LEU D 15 -8.66 1.82 -6.13
C LEU D 15 -9.49 3.10 -6.05
N THR D 16 -10.65 3.01 -5.40
CA THR D 16 -11.50 4.17 -5.31
C THR D 16 -10.93 5.19 -4.34
N THR D 17 -11.45 6.41 -4.41
CA THR D 17 -10.94 7.51 -3.61
C THR D 17 -11.02 7.15 -2.12
N GLY D 18 -9.90 7.33 -1.42
CA GLY D 18 -9.81 7.02 0.01
C GLY D 18 -9.46 5.57 0.28
N SER D 19 -9.44 4.73 -0.77
CA SER D 19 -9.09 3.31 -0.60
C SER D 19 -7.58 3.09 -0.69
N GLN D 20 -7.07 2.22 0.19
CA GLN D 20 -5.67 1.82 0.23
C GLN D 20 -5.51 0.39 -0.27
N CYS D 21 -6.60 -0.38 -0.25
CA CYS D 21 -6.54 -1.76 -0.69
C CYS D 21 -7.94 -2.25 -1.00
N ALA D 22 -8.01 -3.38 -1.70
CA ALA D 22 -9.28 -4.06 -1.99
C ALA D 22 -9.37 -5.39 -1.27
N ASP D 23 -8.26 -6.12 -1.17
CA ASP D 23 -8.23 -7.45 -0.57
C ASP D 23 -6.86 -7.64 0.12
N GLY D 24 -6.76 -8.65 0.94
CA GLY D 24 -5.48 -8.96 1.59
C GLY D 24 -5.68 -9.20 3.06
N LEU D 25 -4.76 -9.95 3.68
CA LEU D 25 -4.89 -10.29 5.09
C LEU D 25 -4.87 -9.07 6.03
N CYS D 26 -4.26 -7.98 5.57
CA CYS D 26 -4.21 -6.73 6.34
C CYS D 26 -5.03 -5.63 5.70
N CYS D 27 -6.05 -6.01 4.92
CA CYS D 27 -7.01 -5.06 4.37
C CYS D 27 -8.36 -5.23 5.08
N ASP D 28 -8.93 -4.11 5.54
CA ASP D 28 -10.23 -4.12 6.21
C ASP D 28 -11.01 -2.93 5.72
N GLN D 29 -12.12 -3.17 5.04
CA GLN D 29 -13.00 -2.06 4.62
C GLN D 29 -12.22 -1.05 3.73
N CYS D 30 -11.41 -1.61 2.82
CA CYS D 30 -10.60 -0.84 1.85
C CYS D 30 -9.45 -0.06 2.50
N LYS D 31 -9.16 -0.32 3.78
CA LYS D 31 -8.06 0.39 4.48
C LYS D 31 -7.04 -0.59 5.01
N PHE D 32 -5.78 -0.18 5.10
CA PHE D 32 -4.79 -0.98 5.79
C PHE D 32 -5.12 -1.08 7.28
N MET D 33 -5.11 -2.30 7.79
CA MET D 33 -5.31 -2.53 9.21
C MET D 33 -4.19 -1.90 10.00
N LYS D 34 -4.50 -1.47 11.22
CA LYS D 34 -3.50 -0.82 12.09
C LYS D 34 -2.26 -1.69 12.30
N GLU D 35 -1.08 -1.06 12.37
CA GLU D 35 0.14 -1.77 12.66
C GLU D 35 0.00 -2.53 13.97
N GLY D 36 0.50 -3.76 13.99
CA GLY D 36 0.40 -4.60 15.19
C GLY D 36 -0.81 -5.51 15.22
N THR D 37 -1.74 -5.32 14.27
CA THR D 37 -2.88 -6.23 14.18
C THR D 37 -2.35 -7.63 13.85
N VAL D 38 -2.80 -8.66 14.58
CA VAL D 38 -2.41 -10.03 14.22
C VAL D 38 -3.06 -10.44 12.88
N CYS D 39 -2.26 -10.86 11.92
CA CYS D 39 -2.80 -11.28 10.60
C CYS D 39 -2.56 -12.75 10.24
N ARG D 40 -1.62 -13.39 10.94
CA ARG D 40 -1.45 -14.83 10.80
C ARG D 40 -1.26 -15.45 12.16
N ARG D 41 -2.18 -16.36 12.49
CA ARG D 41 -2.17 -17.03 13.78
C ARG D 41 -1.39 -18.30 13.61
N ALA D 42 -0.26 -18.34 14.29
CA ALA D 42 0.66 -19.47 14.19
C ALA D 42 0.34 -20.55 15.23
N ARG D 43 0.95 -21.70 14.99
CA ARG D 43 0.73 -22.90 15.78
C ARG D 43 2.07 -23.36 16.31
N GLY D 44 2.06 -24.13 17.39
CA GLY D 44 3.29 -24.77 17.89
C GLY D 44 4.32 -23.78 18.40
N ASP D 45 5.54 -23.91 17.93
CA ASP D 45 6.61 -23.03 18.38
C ASP D 45 6.75 -21.81 17.45
N ASP D 46 5.91 -21.76 16.41
CA ASP D 46 5.93 -20.65 15.46
C ASP D 46 5.39 -19.35 16.05
N LEU D 47 5.91 -18.23 15.55
CA LEU D 47 5.46 -16.88 15.89
C LEU D 47 4.33 -16.39 14.97
N ASP D 48 3.39 -15.66 15.57
CA ASP D 48 2.35 -14.97 14.81
C ASP D 48 2.98 -13.91 13.91
N ASP D 49 2.25 -13.52 12.87
CA ASP D 49 2.66 -12.41 12.02
C ASP D 49 1.70 -11.25 12.26
N TYR D 50 2.17 -10.03 12.02
CA TYR D 50 1.40 -8.82 12.34
C TYR D 50 1.44 -7.86 11.17
N CYS D 51 0.37 -7.09 10.99
CA CYS D 51 0.33 -6.04 9.95
C CYS D 51 1.31 -4.92 10.26
N ASN D 52 1.89 -4.32 9.21
CA ASN D 52 2.82 -3.20 9.42
C ASN D 52 2.14 -1.82 9.32
N GLY D 53 0.84 -1.83 9.05
CA GLY D 53 0.05 -0.59 9.06
C GLY D 53 0.05 0.13 7.72
N ILE D 54 0.93 -0.28 6.81
CA ILE D 54 1.12 0.49 5.59
C ILE D 54 1.05 -0.37 4.34
N SER D 55 0.47 -1.58 4.48
CA SER D 55 0.34 -2.52 3.36
C SER D 55 -0.76 -3.52 3.60
N ALA D 56 -1.17 -4.23 2.55
CA ALA D 56 -2.37 -5.07 2.60
C ALA D 56 -2.04 -6.53 2.84
N GLY D 57 -0.76 -6.86 2.67
CA GLY D 57 -0.31 -8.24 2.86
C GLY D 57 0.07 -8.46 4.32
N CYS D 58 0.30 -9.71 4.68
CA CYS D 58 0.71 -10.04 6.03
C CYS D 58 2.17 -10.44 5.94
N PRO D 59 3.10 -9.60 6.45
CA PRO D 59 4.55 -9.83 6.32
C PRO D 59 5.04 -11.04 7.12
#